data_4O7J
#
_entry.id   4O7J
#
_cell.length_a   45.470
_cell.length_b   66.810
_cell.length_c   50.450
_cell.angle_alpha   90.00
_cell.angle_beta   95.69
_cell.angle_gamma   90.00
#
_symmetry.space_group_name_H-M   'P 1 21 1'
#
loop_
_entity.id
_entity.type
_entity.pdbx_description
1 polymer CarG
2 non-polymer 'SODIUM ION'
3 water water
#
_entity_poly.entity_id   1
_entity_poly.type   'polypeptide(L)'
_entity_poly.pdbx_seq_one_letter_code
;LTPVTLKNGVNQLDINQDGLKDYVVLAQFDNNTSHPNLGLTFFIHRPDGGYSIMPVTNSSEFTWFDYRLSASADFLVQDN
RLFKIKKHYYLVTARKTEEDLFDVGKVSLTIYRFKVSRDDPGVPLYEWSMSKTVTAQRSYQSADEAYQEVDEAMLTRHHH
HHH
;
_entity_poly.pdbx_strand_id   B,A
#
# COMPACT_ATOMS: atom_id res chain seq x y z
N LEU A 1 19.21 -16.06 -14.31
CA LEU A 1 19.15 -15.50 -12.94
C LEU A 1 17.88 -15.98 -12.28
N THR A 2 18.06 -16.72 -11.21
CA THR A 2 16.94 -17.08 -10.37
C THR A 2 16.46 -15.77 -9.66
N PRO A 3 15.14 -15.54 -9.58
CA PRO A 3 14.67 -14.36 -8.86
C PRO A 3 14.68 -14.56 -7.34
N VAL A 4 14.41 -13.48 -6.59
CA VAL A 4 14.38 -13.55 -5.16
C VAL A 4 13.17 -14.42 -4.76
N THR A 5 13.36 -15.37 -3.87
CA THR A 5 12.25 -16.22 -3.39
C THR A 5 11.48 -15.42 -2.41
N LEU A 6 10.25 -15.02 -2.76
CA LEU A 6 9.39 -14.32 -1.75
C LEU A 6 8.37 -15.35 -1.24
N LYS A 7 8.11 -15.32 0.05
CA LYS A 7 6.94 -15.95 0.70
C LYS A 7 5.75 -15.03 0.61
N ASN A 8 4.53 -15.59 0.59
CA ASN A 8 3.31 -14.77 0.87
C ASN A 8 3.48 -14.00 2.18
N GLY A 9 3.02 -12.74 2.19
CA GLY A 9 3.18 -11.86 3.35
C GLY A 9 4.51 -11.13 3.44
N VAL A 10 4.94 -10.90 4.68
CA VAL A 10 6.10 -10.07 4.99
C VAL A 10 7.38 -10.83 4.75
N ASN A 11 8.27 -10.23 3.96
CA ASN A 11 9.59 -10.76 3.71
C ASN A 11 10.53 -9.75 4.28
N GLN A 12 11.37 -10.21 5.19
CA GLN A 12 12.31 -9.32 5.85
C GLN A 12 13.65 -9.37 5.04
N LEU A 13 13.89 -8.34 4.22
CA LEU A 13 15.02 -8.28 3.30
C LEU A 13 15.60 -6.89 3.45
N ASP A 14 16.91 -6.76 3.26
CA ASP A 14 17.57 -5.47 3.43
C ASP A 14 17.78 -4.86 2.04
N ILE A 15 16.78 -4.13 1.56
CA ILE A 15 16.63 -3.69 0.19
C ILE A 15 17.69 -2.65 -0.15
N ASN A 16 17.97 -1.75 0.78
CA ASN A 16 18.95 -0.68 0.57
C ASN A 16 20.30 -1.04 1.14
N GLN A 17 20.36 -2.21 1.71
CA GLN A 17 21.60 -2.79 2.08
C GLN A 17 22.35 -1.86 3.03
N ASP A 18 21.66 -1.40 4.07
CA ASP A 18 22.24 -0.69 5.17
C ASP A 18 22.27 -1.42 6.50
N GLY A 19 22.02 -2.69 6.54
CA GLY A 19 22.00 -3.44 7.75
C GLY A 19 20.70 -3.52 8.52
N LEU A 20 19.71 -2.68 8.17
CA LEU A 20 18.38 -2.75 8.79
C LEU A 20 17.43 -3.48 7.86
N LYS A 21 16.79 -4.53 8.38
CA LYS A 21 15.83 -5.30 7.57
C LYS A 21 14.61 -4.41 7.25
N ASP A 22 14.27 -4.39 5.98
CA ASP A 22 13.06 -3.78 5.46
C ASP A 22 11.98 -4.78 5.18
N TYR A 23 10.81 -4.31 4.73
CA TYR A 23 9.72 -5.25 4.44
C TYR A 23 9.45 -5.22 2.97
N VAL A 24 9.35 -6.41 2.39
CA VAL A 24 8.73 -6.57 1.03
C VAL A 24 7.53 -7.42 1.28
N VAL A 25 6.35 -6.87 1.03
CA VAL A 25 5.14 -7.57 1.31
C VAL A 25 4.55 -8.05 0.00
N LEU A 26 4.41 -9.36 -0.11
CA LEU A 26 3.75 -9.97 -1.25
C LEU A 26 2.32 -10.29 -0.87
N ALA A 27 1.37 -9.79 -1.62
CA ALA A 27 -0.03 -9.93 -1.31
C ALA A 27 -0.81 -9.95 -2.59
N GLN A 28 -2.12 -10.13 -2.49
CA GLN A 28 -2.98 -10.11 -3.65
C GLN A 28 -4.20 -9.27 -3.39
N PHE A 29 -4.71 -8.67 -4.43
CA PHE A 29 -5.99 -7.99 -4.40
C PHE A 29 -7.00 -8.98 -4.89
N ASP A 30 -7.85 -9.42 -3.97
CA ASP A 30 -8.98 -10.33 -4.27
C ASP A 30 -10.24 -9.57 -4.60
N ASN A 31 -10.73 -9.67 -5.83
CA ASN A 31 -11.91 -8.89 -6.20
C ASN A 31 -12.92 -9.72 -6.96
N ASN A 32 -13.07 -10.94 -6.51
CA ASN A 32 -14.11 -11.84 -6.99
C ASN A 32 -14.02 -12.03 -8.51
N THR A 33 -12.80 -12.30 -8.96
CA THR A 33 -12.42 -12.57 -10.35
C THR A 33 -11.71 -13.94 -10.31
N SER A 34 -11.46 -14.58 -11.48
CA SER A 34 -10.72 -15.87 -11.56
C SER A 34 -9.27 -15.84 -11.11
N HIS A 35 -8.65 -14.66 -11.15
CA HIS A 35 -7.27 -14.50 -10.73
C HIS A 35 -7.11 -13.36 -9.74
N PRO A 36 -6.54 -13.59 -8.59
CA PRO A 36 -6.00 -12.47 -7.82
C PRO A 36 -4.90 -11.71 -8.55
N ASN A 37 -4.89 -10.42 -8.29
CA ASN A 37 -3.85 -9.55 -8.72
C ASN A 37 -2.78 -9.52 -7.65
N LEU A 38 -1.61 -10.02 -7.99
CA LEU A 38 -0.50 -10.03 -7.03
C LEU A 38 0.17 -8.67 -7.02
N GLY A 39 0.56 -8.26 -5.84
CA GLY A 39 1.16 -6.98 -5.60
C GLY A 39 2.31 -6.99 -4.61
N LEU A 40 3.33 -6.18 -4.90
CA LEU A 40 4.45 -5.99 -3.98
C LEU A 40 4.37 -4.58 -3.34
N THR A 41 4.54 -4.53 -2.05
CA THR A 41 4.57 -3.26 -1.29
C THR A 41 5.91 -3.24 -0.49
N PHE A 42 6.65 -2.13 -0.58
CA PHE A 42 8.00 -1.95 0.00
C PHE A 42 7.99 -0.96 1.14
N PHE A 43 8.58 -1.37 2.26
CA PHE A 43 8.71 -0.53 3.41
C PHE A 43 10.14 -0.55 3.89
N ILE A 44 10.75 0.63 3.94
CA ILE A 44 12.17 0.79 4.31
C ILE A 44 12.28 1.15 5.81
N HIS A 45 13.07 0.40 6.49
CA HIS A 45 13.18 0.57 7.94
C HIS A 45 14.09 1.81 8.18
N ARG A 46 13.62 2.77 8.99
CA ARG A 46 14.38 3.97 9.29
C ARG A 46 15.17 3.86 10.58
N PRO A 47 16.27 4.60 10.68
CA PRO A 47 16.96 4.54 12.03
C PRO A 47 16.12 4.86 13.25
N ASP A 48 15.13 5.72 13.13
CA ASP A 48 14.29 6.07 14.29
C ASP A 48 13.28 5.00 14.60
N GLY A 49 13.27 3.91 13.81
CA GLY A 49 12.33 2.80 14.07
C GLY A 49 11.07 2.85 13.20
N GLY A 50 10.82 3.98 12.55
CA GLY A 50 9.70 4.16 11.66
C GLY A 50 9.93 3.32 10.40
N TYR A 51 8.86 3.04 9.68
CA TYR A 51 8.98 2.45 8.35
C TYR A 51 8.51 3.45 7.31
N SER A 52 9.22 3.50 6.19
CA SER A 52 8.93 4.44 5.14
C SER A 52 8.38 3.67 3.90
N ILE A 53 7.15 3.93 3.52
CA ILE A 53 6.53 3.22 2.41
C ILE A 53 7.03 3.82 1.09
N MET A 54 7.56 3.00 0.21
CA MET A 54 8.06 3.43 -1.04
C MET A 54 6.91 3.62 -2.08
N PRO A 55 6.91 4.77 -2.81
CA PRO A 55 6.00 4.95 -3.93
C PRO A 55 6.29 4.04 -5.14
N VAL A 56 5.26 3.86 -5.93
CA VAL A 56 5.40 3.23 -7.23
C VAL A 56 5.92 4.37 -8.13
N THR A 57 6.95 4.10 -8.93
CA THR A 57 7.58 5.14 -9.74
C THR A 57 6.65 5.63 -10.82
N ASN A 58 6.62 6.96 -10.97
CA ASN A 58 5.79 7.65 -11.95
C ASN A 58 4.29 7.34 -11.77
N SER A 59 3.83 7.29 -10.52
CA SER A 59 2.48 6.81 -10.15
C SER A 59 2.06 7.40 -8.80
N SER A 60 0.76 7.43 -8.54
CA SER A 60 0.26 7.85 -7.26
C SER A 60 0.07 6.68 -6.28
N GLU A 61 0.29 5.50 -6.78
CA GLU A 61 0.12 4.25 -6.01
C GLU A 61 1.34 3.90 -5.15
N PHE A 62 1.12 3.01 -4.16
CA PHE A 62 2.21 2.52 -3.32
C PHE A 62 2.36 0.99 -3.30
N THR A 63 1.51 0.31 -4.05
CA THR A 63 1.69 -1.14 -4.35
C THR A 63 1.88 -1.36 -5.85
N TRP A 64 2.88 -2.17 -6.20
CA TRP A 64 3.16 -2.61 -7.55
C TRP A 64 2.35 -3.85 -7.90
N PHE A 65 1.37 -3.70 -8.80
CA PHE A 65 0.50 -4.79 -9.15
C PHE A 65 0.83 -5.35 -10.53
N ASP A 66 0.61 -6.63 -10.66
CA ASP A 66 0.52 -7.25 -11.98
C ASP A 66 -0.82 -6.90 -12.62
N TYR A 67 -0.91 -7.00 -13.93
CA TYR A 67 -2.11 -6.59 -14.60
C TYR A 67 -2.44 -7.55 -15.69
N ARG A 68 -3.72 -7.85 -15.84
CA ARG A 68 -4.21 -8.63 -16.96
C ARG A 68 -5.10 -7.86 -17.91
N LEU A 69 -5.20 -8.35 -19.12
CA LEU A 69 -6.05 -7.76 -20.14
C LEU A 69 -7.54 -7.77 -19.76
N SER A 70 -7.97 -8.81 -19.10
CA SER A 70 -9.36 -8.94 -18.67
C SER A 70 -9.36 -9.91 -17.50
N ALA A 71 -10.53 -9.99 -16.89
CA ALA A 71 -10.78 -10.84 -15.71
C ALA A 71 -10.30 -12.26 -15.90
N SER A 72 -10.66 -12.87 -17.01
CA SER A 72 -10.39 -14.27 -17.19
C SER A 72 -9.16 -14.62 -17.98
N ALA A 73 -8.41 -13.64 -18.45
CA ALA A 73 -7.20 -13.93 -19.18
C ALA A 73 -6.19 -14.74 -18.36
N ASP A 74 -5.60 -15.73 -19.00
CA ASP A 74 -4.61 -16.58 -18.38
C ASP A 74 -3.17 -16.15 -18.81
N PHE A 75 -2.97 -14.86 -18.89
CA PHE A 75 -1.65 -14.32 -19.08
C PHE A 75 -1.57 -12.93 -18.52
N LEU A 76 -0.37 -12.48 -18.23
CA LEU A 76 -0.14 -11.17 -17.72
C LEU A 76 0.24 -10.23 -18.88
N VAL A 77 -0.25 -9.03 -18.76
CA VAL A 77 0.21 -7.89 -19.53
C VAL A 77 1.33 -7.08 -18.82
N GLN A 78 1.37 -7.10 -17.49
CA GLN A 78 2.39 -6.45 -16.74
C GLN A 78 2.68 -7.28 -15.50
N ASP A 79 3.99 -7.40 -15.18
CA ASP A 79 4.45 -8.12 -13.99
C ASP A 79 5.60 -7.38 -13.36
N ASN A 80 5.86 -7.65 -12.10
CA ASN A 80 7.01 -7.12 -11.39
C ASN A 80 7.71 -8.21 -10.67
N ARG A 81 9.05 -8.18 -10.66
CA ARG A 81 9.79 -9.22 -10.00
C ARG A 81 11.08 -8.67 -9.41
N LEU A 82 11.41 -9.13 -8.20
CA LEU A 82 12.62 -8.77 -7.54
C LEU A 82 13.77 -9.69 -7.81
N PHE A 83 14.92 -9.10 -8.12
CA PHE A 83 16.18 -9.80 -8.33
C PHE A 83 17.23 -9.21 -7.40
N LYS A 84 18.29 -9.94 -7.21
CA LYS A 84 19.36 -9.49 -6.39
C LYS A 84 20.72 -9.86 -7.02
N ILE A 85 21.64 -8.92 -7.04
CA ILE A 85 23.04 -9.18 -7.45
C ILE A 85 23.97 -8.69 -6.39
N LYS A 86 24.73 -9.63 -5.86
CA LYS A 86 25.46 -9.44 -4.64
C LYS A 86 24.54 -8.82 -3.60
N LYS A 87 24.84 -7.63 -3.11
CA LYS A 87 23.98 -7.02 -2.11
C LYS A 87 22.88 -6.12 -2.66
N HIS A 88 22.87 -5.83 -3.96
CA HIS A 88 21.93 -4.86 -4.46
C HIS A 88 20.73 -5.60 -4.91
N TYR A 89 19.56 -5.01 -4.66
CA TYR A 89 18.29 -5.44 -5.23
C TYR A 89 17.82 -4.60 -6.39
N TYR A 90 17.12 -5.26 -7.31
CA TYR A 90 16.60 -4.62 -8.54
C TYR A 90 15.19 -5.07 -8.75
N LEU A 91 14.34 -4.13 -8.93
CA LEU A 91 12.96 -4.39 -9.28
C LEU A 91 12.81 -4.31 -10.80
N VAL A 92 12.23 -5.30 -11.41
CA VAL A 92 12.11 -5.41 -12.85
C VAL A 92 10.67 -5.57 -13.26
N THR A 93 10.19 -4.57 -14.01
CA THR A 93 8.82 -4.57 -14.50
C THR A 93 8.85 -5.13 -15.91
N ALA A 94 8.10 -6.20 -16.15
CA ALA A 94 7.90 -6.68 -17.54
C ALA A 94 6.55 -6.18 -18.03
N ARG A 95 6.51 -5.58 -19.22
CA ARG A 95 5.26 -5.08 -19.73
C ARG A 95 5.15 -5.43 -21.23
N LYS A 96 4.00 -5.94 -21.65
CA LYS A 96 3.62 -6.05 -23.10
C LYS A 96 3.42 -4.69 -23.66
N THR A 97 4.15 -4.34 -24.73
CA THR A 97 4.16 -2.96 -25.22
C THR A 97 3.24 -2.66 -26.41
N GLU A 98 2.74 -3.68 -27.10
CA GLU A 98 2.01 -3.44 -28.34
C GLU A 98 0.59 -3.02 -28.00
N GLU A 99 -0.09 -2.34 -28.89
CA GLU A 99 -1.55 -2.03 -28.67
C GLU A 99 -2.36 -3.33 -28.56
N ASP A 100 -2.03 -4.28 -29.39
CA ASP A 100 -2.73 -5.60 -29.38
C ASP A 100 -2.09 -6.48 -28.30
N LEU A 101 -2.59 -6.32 -27.11
CA LEU A 101 -2.13 -6.97 -25.92
C LEU A 101 -2.47 -8.46 -25.86
N PHE A 102 -3.46 -8.86 -26.65
CA PHE A 102 -3.87 -10.25 -26.64
C PHE A 102 -2.89 -11.17 -27.37
N ASP A 103 -2.26 -10.69 -28.40
CA ASP A 103 -1.43 -11.60 -29.19
C ASP A 103 -0.02 -11.64 -28.57
N VAL A 104 0.71 -12.65 -29.02
CA VAL A 104 2.13 -12.81 -28.65
C VAL A 104 2.77 -11.59 -29.18
N GLY A 105 3.62 -10.96 -28.40
CA GLY A 105 4.16 -9.65 -28.80
C GLY A 105 5.38 -9.21 -27.98
N LYS A 106 5.84 -8.01 -28.26
CA LYS A 106 7.03 -7.48 -27.62
C LYS A 106 6.81 -7.15 -26.15
N VAL A 107 7.84 -7.36 -25.37
CA VAL A 107 7.78 -7.16 -23.95
C VAL A 107 8.98 -6.28 -23.63
N SER A 108 8.78 -5.22 -22.85
CA SER A 108 9.86 -4.43 -22.30
C SER A 108 10.18 -4.80 -20.87
N LEU A 109 11.45 -4.61 -20.50
CA LEU A 109 11.90 -4.85 -19.12
C LEU A 109 12.50 -3.62 -18.60
N THR A 110 11.84 -3.04 -17.57
CA THR A 110 12.28 -1.79 -16.94
C THR A 110 12.92 -2.20 -15.63
N ILE A 111 14.19 -1.86 -15.50
CA ILE A 111 15.03 -2.18 -14.36
C ILE A 111 15.09 -0.98 -13.47
N TYR A 112 14.71 -1.17 -12.21
CA TYR A 112 14.79 -0.11 -11.21
C TYR A 112 15.81 -0.46 -10.16
N ARG A 113 16.56 0.56 -9.73
CA ARG A 113 17.49 0.37 -8.65
C ARG A 113 17.03 1.23 -7.48
N PHE A 114 17.49 0.89 -6.30
CA PHE A 114 17.16 1.62 -5.11
C PHE A 114 17.87 2.97 -5.05
N LYS A 115 17.13 4.02 -4.74
CA LYS A 115 17.72 5.40 -4.71
C LYS A 115 17.23 6.19 -3.50
N VAL A 116 18.19 6.71 -2.74
CA VAL A 116 17.87 7.62 -1.61
C VAL A 116 18.11 9.07 -1.98
N SER A 117 17.16 9.94 -1.66
CA SER A 117 17.24 11.38 -2.07
C SER A 117 17.03 12.15 -0.78
N ARG A 118 18.11 12.46 -0.07
CA ARG A 118 18.00 12.89 1.33
C ARG A 118 17.78 14.38 1.41
N ASP A 119 16.84 14.83 2.25
CA ASP A 119 16.53 16.26 2.48
C ASP A 119 16.27 17.09 1.19
N ASP A 120 15.76 16.40 0.16
CA ASP A 120 15.58 16.96 -1.18
C ASP A 120 14.10 17.32 -1.38
N PRO A 121 13.80 18.53 -1.89
CA PRO A 121 12.46 19.11 -1.68
C PRO A 121 11.29 18.42 -2.34
N GLY A 122 10.39 17.86 -1.51
CA GLY A 122 9.22 17.20 -2.05
C GLY A 122 9.53 15.96 -2.88
N VAL A 123 10.78 15.47 -2.90
CA VAL A 123 11.15 14.26 -3.68
C VAL A 123 11.11 13.05 -2.70
N PRO A 124 10.62 11.88 -3.16
CA PRO A 124 10.61 10.73 -2.21
C PRO A 124 12.01 10.44 -1.70
N LEU A 125 12.10 10.28 -0.37
CA LEU A 125 13.34 9.96 0.27
C LEU A 125 13.86 8.62 -0.25
N TYR A 126 12.95 7.64 -0.36
CA TYR A 126 13.30 6.29 -0.88
C TYR A 126 12.44 5.95 -2.06
N GLU A 127 13.07 5.65 -3.20
CA GLU A 127 12.33 5.30 -4.43
C GLU A 127 13.06 4.25 -5.28
N TRP A 128 12.32 3.64 -6.19
CA TRP A 128 12.84 2.79 -7.24
C TRP A 128 13.07 3.72 -8.46
N SER A 129 14.34 3.84 -8.84
CA SER A 129 14.72 4.74 -9.85
C SER A 129 15.10 3.98 -11.08
N MET A 130 14.52 4.36 -12.22
CA MET A 130 14.78 3.62 -13.46
C MET A 130 16.26 3.68 -13.84
N SER A 131 16.86 2.54 -14.02
CA SER A 131 18.24 2.40 -14.52
C SER A 131 18.29 2.33 -16.05
N LYS A 132 17.38 1.54 -16.58
CA LYS A 132 17.41 1.19 -17.99
C LYS A 132 16.13 0.44 -18.33
N THR A 133 15.69 0.54 -19.59
CA THR A 133 14.62 -0.29 -20.12
C THR A 133 15.22 -1.02 -21.34
N VAL A 134 14.99 -2.30 -21.46
CA VAL A 134 15.41 -3.06 -22.60
C VAL A 134 14.23 -3.79 -23.21
N THR A 135 14.29 -4.05 -24.52
CA THR A 135 13.27 -4.80 -25.15
C THR A 135 13.67 -6.24 -25.14
N ALA A 136 12.78 -7.13 -24.67
CA ALA A 136 13.15 -8.51 -24.72
C ALA A 136 13.37 -8.94 -26.20
N GLN A 137 14.22 -9.93 -26.40
CA GLN A 137 14.60 -10.37 -27.74
C GLN A 137 13.66 -11.39 -28.36
N ARG A 138 12.72 -11.92 -27.60
CA ARG A 138 11.71 -12.78 -28.08
C ARG A 138 10.37 -12.13 -27.76
N SER A 139 9.37 -12.47 -28.55
CA SER A 139 8.00 -12.07 -28.31
C SER A 139 7.28 -13.18 -27.49
N TYR A 140 6.36 -12.76 -26.61
CA TYR A 140 5.77 -13.67 -25.59
C TYR A 140 4.29 -13.40 -25.46
N GLN A 141 3.57 -14.41 -25.04
CA GLN A 141 2.18 -14.30 -24.71
C GLN A 141 1.98 -13.57 -23.34
N SER A 142 2.79 -13.91 -22.35
CA SER A 142 2.63 -13.38 -21.00
C SER A 142 3.89 -12.67 -20.60
N ALA A 143 3.75 -11.49 -20.00
CA ALA A 143 4.92 -10.62 -19.73
C ALA A 143 5.95 -11.28 -18.84
N ASP A 144 5.50 -12.11 -17.90
CA ASP A 144 6.40 -12.79 -16.97
C ASP A 144 7.32 -13.81 -17.69
N GLU A 145 6.95 -14.22 -18.90
CA GLU A 145 7.84 -15.10 -19.63
C GLU A 145 9.20 -14.44 -19.98
N ALA A 146 9.23 -13.13 -20.14
CA ALA A 146 10.41 -12.41 -20.50
C ALA A 146 11.46 -12.41 -19.38
N TYR A 147 11.08 -12.77 -18.17
CA TYR A 147 12.07 -12.76 -17.03
C TYR A 147 13.12 -13.86 -17.27
N GLN A 148 12.81 -14.79 -18.15
CA GLN A 148 13.82 -15.81 -18.55
C GLN A 148 15.05 -15.15 -19.19
N GLU A 149 14.93 -13.94 -19.74
CA GLU A 149 16.07 -13.27 -20.35
C GLU A 149 16.87 -12.40 -19.34
N VAL A 150 16.41 -12.28 -18.12
CA VAL A 150 17.10 -11.36 -17.23
C VAL A 150 18.44 -11.96 -16.80
N ASP A 151 19.46 -11.15 -16.83
CA ASP A 151 20.75 -11.62 -16.30
C ASP A 151 21.50 -10.52 -15.64
N GLU A 152 22.67 -10.88 -15.07
CA GLU A 152 23.51 -9.95 -14.36
CA GLU A 152 23.53 -9.92 -14.35
C GLU A 152 23.80 -8.67 -15.16
N ALA A 153 24.12 -8.84 -16.47
CA ALA A 153 24.54 -7.71 -17.27
C ALA A 153 23.40 -6.73 -17.56
N MET A 154 22.21 -7.24 -17.62
CA MET A 154 21.03 -6.42 -17.79
C MET A 154 20.78 -5.56 -16.55
N LEU A 155 21.08 -6.09 -15.36
CA LEU A 155 20.68 -5.43 -14.12
C LEU A 155 21.62 -4.34 -13.68
N THR A 156 22.91 -4.53 -13.82
CA THR A 156 23.86 -3.58 -13.20
C THR A 156 24.29 -2.46 -14.16
N ARG A 157 24.54 -1.25 -13.63
CA ARG A 157 24.75 -0.06 -14.50
C ARG A 157 26.10 -0.11 -15.21
N HIS A 158 27.16 -0.47 -14.48
CA HIS A 158 28.53 -0.43 -15.03
C HIS A 158 28.77 -1.49 -16.12
N LEU B 1 -14.85 -0.48 24.48
CA LEU B 1 -14.22 0.39 23.44
C LEU B 1 -12.76 0.72 23.75
N THR B 2 -11.86 0.32 22.85
CA THR B 2 -10.44 0.63 22.85
C THR B 2 -10.06 1.37 21.51
N PRO B 3 -9.40 2.53 21.59
CA PRO B 3 -8.72 2.92 20.36
C PRO B 3 -7.55 2.04 20.28
N VAL B 4 -7.24 1.63 19.09
CA VAL B 4 -6.17 0.66 18.96
C VAL B 4 -4.84 1.34 18.67
N THR B 5 -3.90 1.28 19.59
CA THR B 5 -2.54 1.77 19.30
C THR B 5 -1.83 0.91 18.30
N LEU B 6 -0.99 1.54 17.51
CA LEU B 6 -0.26 0.78 16.53
C LEU B 6 1.25 1.08 16.61
N LYS B 7 2.03 -0.01 16.58
CA LYS B 7 3.49 0.07 16.53
C LYS B 7 3.92 0.44 15.06
N ASN B 8 5.03 1.10 14.92
CA ASN B 8 5.60 1.30 13.57
C ASN B 8 5.81 -0.06 12.90
N GLY B 9 5.50 -0.15 11.62
CA GLY B 9 5.63 -1.45 10.97
C GLY B 9 4.42 -2.33 11.11
N VAL B 10 4.68 -3.63 11.20
CA VAL B 10 3.63 -4.61 11.21
C VAL B 10 2.99 -4.72 12.53
N ASN B 11 1.67 -4.66 12.52
CA ASN B 11 0.81 -4.94 13.70
C ASN B 11 0.00 -6.16 13.41
N GLN B 12 0.10 -7.13 14.29
CA GLN B 12 -0.65 -8.40 14.13
C GLN B 12 -1.97 -8.35 14.83
N LEU B 13 -3.03 -8.09 14.07
CA LEU B 13 -4.37 -7.92 14.64
C LEU B 13 -5.33 -8.89 13.89
N ASP B 14 -6.43 -9.30 14.50
CA ASP B 14 -7.35 -10.23 13.83
C ASP B 14 -8.60 -9.49 13.42
N ILE B 15 -8.46 -8.79 12.32
CA ILE B 15 -9.45 -7.85 11.93
C ILE B 15 -10.71 -8.56 11.55
N ASN B 16 -10.61 -9.71 10.94
CA ASN B 16 -11.85 -10.37 10.58
C ASN B 16 -12.21 -11.56 11.53
N GLN B 17 -11.56 -11.61 12.67
CA GLN B 17 -12.01 -12.47 13.77
C GLN B 17 -12.18 -13.89 13.40
N ASP B 18 -11.21 -14.44 12.73
CA ASP B 18 -11.32 -15.79 12.29
C ASP B 18 -10.21 -16.64 12.86
N GLY B 19 -9.44 -16.10 13.82
CA GLY B 19 -8.31 -16.82 14.42
C GLY B 19 -6.96 -16.72 13.72
N LEU B 20 -6.95 -16.20 12.50
CA LEU B 20 -5.70 -15.90 11.80
C LEU B 20 -5.36 -14.40 11.90
N LYS B 21 -4.17 -14.11 12.43
CA LYS B 21 -3.71 -12.76 12.57
C LYS B 21 -3.43 -12.13 11.18
N ASP B 22 -3.98 -10.95 11.02
CA ASP B 22 -3.83 -10.14 9.85
C ASP B 22 -2.75 -9.09 10.12
N TYR B 23 -2.39 -8.33 9.08
CA TYR B 23 -1.41 -7.27 9.23
C TYR B 23 -2.07 -5.95 9.02
N VAL B 24 -1.75 -5.05 9.92
CA VAL B 24 -1.99 -3.63 9.75
C VAL B 24 -0.60 -3.00 9.80
N VAL B 25 -0.16 -2.45 8.67
CA VAL B 25 1.14 -1.90 8.59
C VAL B 25 1.07 -0.35 8.65
N LEU B 26 1.74 0.21 9.63
CA LEU B 26 1.80 1.60 9.86
C LEU B 26 3.16 2.10 9.38
N ALA B 27 3.13 3.03 8.45
CA ALA B 27 4.34 3.53 7.83
C ALA B 27 4.09 4.95 7.38
N GLN B 28 5.12 5.65 7.02
CA GLN B 28 4.94 6.98 6.55
C GLN B 28 5.51 7.16 5.20
N PHE B 29 4.95 8.09 4.45
CA PHE B 29 5.51 8.48 3.17
C PHE B 29 6.44 9.64 3.46
N ASP B 30 7.71 9.39 3.26
CA ASP B 30 8.77 10.36 3.40
C ASP B 30 9.07 11.01 2.06
N ASN B 31 8.53 12.17 1.79
CA ASN B 31 9.01 12.93 0.65
C ASN B 31 9.63 14.25 1.08
N ASN B 32 10.23 14.20 2.26
CA ASN B 32 11.19 15.16 2.78
C ASN B 32 10.47 16.41 3.28
N THR B 33 9.60 16.25 4.26
CA THR B 33 8.91 17.36 4.91
C THR B 33 9.01 17.16 6.43
N SER B 34 8.64 18.14 7.25
CA SER B 34 8.76 17.98 8.70
C SER B 34 7.82 16.95 9.33
N HIS B 35 6.66 16.80 8.70
CA HIS B 35 5.61 15.95 9.21
C HIS B 35 5.23 15.07 8.05
N PRO B 36 5.93 13.95 7.91
CA PRO B 36 5.53 12.94 6.92
C PRO B 36 4.13 12.44 7.21
N ASN B 37 3.43 12.07 6.15
CA ASN B 37 2.08 11.55 6.28
C ASN B 37 2.13 10.06 6.61
N LEU B 38 1.54 9.70 7.73
CA LEU B 38 1.36 8.31 8.14
C LEU B 38 0.27 7.67 7.33
N GLY B 39 0.54 6.44 6.93
CA GLY B 39 -0.42 5.66 6.18
C GLY B 39 -0.60 4.27 6.79
N LEU B 40 -1.81 3.74 6.66
CA LEU B 40 -2.13 2.35 7.08
C LEU B 40 -2.44 1.49 5.88
N THR B 41 -1.84 0.29 5.87
CA THR B 41 -2.02 -0.75 4.81
C THR B 41 -2.50 -2.03 5.47
N PHE B 42 -3.62 -2.57 5.00
CA PHE B 42 -4.30 -3.73 5.66
C PHE B 42 -4.12 -4.93 4.80
N PHE B 43 -3.71 -6.03 5.40
CA PHE B 43 -3.53 -7.28 4.68
C PHE B 43 -4.23 -8.42 5.50
N ILE B 44 -5.26 -9.03 4.91
CA ILE B 44 -6.04 -10.03 5.59
C ILE B 44 -5.37 -11.38 5.29
N HIS B 45 -5.11 -12.15 6.34
CA HIS B 45 -4.46 -13.45 6.22
C HIS B 45 -5.49 -14.48 5.68
N ARG B 46 -5.22 -15.12 4.55
CA ARG B 46 -6.17 -16.07 4.00
C ARG B 46 -5.80 -17.49 4.45
N PRO B 47 -6.82 -18.37 4.62
CA PRO B 47 -6.44 -19.76 4.97
C PRO B 47 -5.52 -20.49 4.03
N ASP B 48 -5.52 -20.13 2.74
CA ASP B 48 -4.57 -20.72 1.78
C ASP B 48 -3.15 -20.20 1.96
N GLY B 49 -2.92 -19.31 2.92
CA GLY B 49 -1.58 -18.82 3.18
C GLY B 49 -1.26 -17.46 2.50
N GLY B 50 -2.09 -17.04 1.57
CA GLY B 50 -2.00 -15.74 0.89
C GLY B 50 -2.42 -14.60 1.81
N TYR B 51 -2.03 -13.36 1.46
CA TYR B 51 -2.52 -12.17 2.21
C TYR B 51 -3.22 -11.31 1.22
N SER B 52 -4.42 -10.92 1.58
CA SER B 52 -5.27 -10.19 0.75
C SER B 52 -5.14 -8.70 1.17
N ILE B 53 -4.66 -7.90 0.25
CA ILE B 53 -4.51 -6.44 0.51
C ILE B 53 -5.83 -5.73 0.30
N MET B 54 -6.27 -4.97 1.29
CA MET B 54 -7.53 -4.26 1.24
C MET B 54 -7.41 -2.89 0.49
N PRO B 55 -8.37 -2.57 -0.38
CA PRO B 55 -8.41 -1.27 -1.02
C PRO B 55 -8.82 -0.17 -0.05
N VAL B 56 -8.49 1.05 -0.40
CA VAL B 56 -9.07 2.24 0.23
C VAL B 56 -10.47 2.44 -0.39
N THR B 57 -11.44 2.71 0.44
CA THR B 57 -12.80 2.87 -0.02
C THR B 57 -12.87 4.10 -0.91
N ASN B 58 -13.59 3.96 -2.01
CA ASN B 58 -13.84 5.06 -2.97
C ASN B 58 -12.53 5.66 -3.51
N SER B 59 -11.62 4.74 -3.84
CA SER B 59 -10.27 5.08 -4.25
C SER B 59 -9.60 3.92 -4.97
N SER B 60 -8.59 4.22 -5.78
CA SER B 60 -7.83 3.16 -6.44
C SER B 60 -6.55 2.83 -5.62
N GLU B 61 -6.37 3.51 -4.52
CA GLU B 61 -5.21 3.33 -3.60
C GLU B 61 -5.41 2.13 -2.65
N PHE B 62 -4.31 1.65 -2.05
CA PHE B 62 -4.37 0.58 -1.10
C PHE B 62 -3.73 0.93 0.24
N THR B 63 -3.33 2.19 0.38
CA THR B 63 -2.87 2.72 1.63
C THR B 63 -3.67 3.97 2.05
N TRP B 64 -4.14 3.99 3.30
CA TRP B 64 -4.91 5.08 3.90
C TRP B 64 -3.94 6.08 4.51
N PHE B 65 -3.79 7.26 3.87
CA PHE B 65 -2.89 8.29 4.39
C PHE B 65 -3.65 9.42 5.14
N ASP B 66 -2.97 9.96 6.12
CA ASP B 66 -3.33 11.19 6.77
C ASP B 66 -3.08 12.33 5.77
N TYR B 67 -3.63 13.53 6.00
CA TYR B 67 -3.31 14.65 5.13
CA TYR B 67 -3.38 14.67 5.10
C TYR B 67 -3.14 15.89 5.96
N ARG B 68 -2.14 16.67 5.56
CA ARG B 68 -1.77 17.93 6.19
C ARG B 68 -1.72 18.97 5.13
N LEU B 69 -2.05 20.17 5.57
CA LEU B 69 -2.48 21.27 4.68
C LEU B 69 -1.35 21.72 3.78
N SER B 70 -0.15 21.74 4.32
CA SER B 70 1.02 22.04 3.54
C SER B 70 2.14 21.40 4.30
N ALA B 71 3.36 21.70 3.92
CA ALA B 71 4.49 21.12 4.62
C ALA B 71 4.50 21.48 6.12
N SER B 72 3.91 22.65 6.47
CA SER B 72 4.36 23.53 7.56
C SER B 72 3.76 23.36 8.99
N ALA B 73 2.50 23.74 9.16
CA ALA B 73 1.87 23.76 10.50
C ALA B 73 1.66 22.36 11.07
N ASP B 74 1.82 22.15 12.39
CA ASP B 74 1.63 20.79 12.97
C ASP B 74 0.16 20.52 13.35
N PHE B 75 -0.68 20.33 12.33
CA PHE B 75 -2.01 19.81 12.54
C PHE B 75 -2.43 18.96 11.30
N LEU B 76 -3.39 18.08 11.53
CA LEU B 76 -3.94 17.20 10.52
C LEU B 76 -5.28 17.67 10.03
N VAL B 77 -5.41 17.70 8.71
CA VAL B 77 -6.69 17.92 8.06
C VAL B 77 -7.51 16.64 7.93
N GLN B 78 -6.83 15.52 7.68
CA GLN B 78 -7.49 14.22 7.69
C GLN B 78 -6.64 13.22 8.45
N ASP B 79 -7.29 12.31 9.20
CA ASP B 79 -6.61 11.29 9.97
C ASP B 79 -7.41 10.00 9.89
N ASN B 80 -6.76 8.91 10.21
CA ASN B 80 -7.42 7.65 10.32
C ASN B 80 -7.05 7.00 11.64
N ARG B 81 -7.99 6.28 12.27
CA ARG B 81 -7.65 5.60 13.50
C ARG B 81 -8.54 4.36 13.65
N LEU B 82 -7.91 3.31 14.12
CA LEU B 82 -8.61 2.02 14.32
C LEU B 82 -9.18 1.94 15.74
N PHE B 83 -10.43 1.47 15.90
CA PHE B 83 -11.06 1.22 17.16
C PHE B 83 -11.57 -0.23 17.20
N LYS B 84 -11.77 -0.74 18.40
CA LYS B 84 -12.19 -2.13 18.55
C LYS B 84 -13.24 -2.17 19.63
N ILE B 85 -14.29 -2.94 19.39
CA ILE B 85 -15.26 -3.29 20.49
C ILE B 85 -15.31 -4.82 20.49
N LYS B 86 -14.88 -5.42 21.58
CA LYS B 86 -14.81 -6.88 21.71
C LYS B 86 -13.95 -7.43 20.58
N LYS B 87 -14.53 -8.19 19.64
CA LYS B 87 -13.72 -8.72 18.57
C LYS B 87 -13.78 -7.87 17.30
N HIS B 88 -14.68 -6.89 17.25
CA HIS B 88 -15.00 -6.12 16.03
C HIS B 88 -14.13 -4.88 15.92
N TYR B 89 -13.48 -4.72 14.75
CA TYR B 89 -12.69 -3.56 14.46
C TYR B 89 -13.43 -2.60 13.56
N TYR B 90 -13.19 -1.30 13.76
CA TYR B 90 -13.80 -0.22 12.97
C TYR B 90 -12.68 0.75 12.62
N LEU B 91 -12.71 1.23 11.40
CA LEU B 91 -11.80 2.27 10.98
C LEU B 91 -12.58 3.60 10.92
N VAL B 92 -11.99 4.62 11.47
CA VAL B 92 -12.67 5.92 11.61
C VAL B 92 -11.76 6.97 10.99
N THR B 93 -12.29 7.67 10.06
CA THR B 93 -11.58 8.78 9.38
C THR B 93 -12.09 10.07 10.01
N ALA B 94 -11.19 10.92 10.48
CA ALA B 94 -11.57 12.25 10.96
C ALA B 94 -11.13 13.30 9.94
N ARG B 95 -12.02 14.21 9.55
CA ARG B 95 -11.68 15.15 8.47
C ARG B 95 -12.19 16.53 8.80
N LYS B 96 -11.33 17.54 8.69
CA LYS B 96 -11.79 18.96 8.81
C LYS B 96 -12.64 19.30 7.61
N THR B 97 -13.89 19.72 7.84
CA THR B 97 -14.82 19.92 6.72
C THR B 97 -15.03 21.41 6.23
N GLU B 98 -14.58 22.42 6.96
CA GLU B 98 -14.75 23.82 6.56
C GLU B 98 -13.83 24.23 5.39
N GLU B 99 -14.16 25.37 4.72
CA GLU B 99 -13.40 25.84 3.56
C GLU B 99 -12.00 26.30 3.97
N ASP B 100 -11.93 26.97 5.11
CA ASP B 100 -10.65 27.44 5.69
C ASP B 100 -10.09 26.37 6.64
N LEU B 101 -9.27 25.50 6.07
CA LEU B 101 -8.75 24.32 6.74
C LEU B 101 -7.72 24.70 7.79
N PHE B 102 -7.25 25.93 7.74
CA PHE B 102 -6.33 26.38 8.74
C PHE B 102 -6.97 26.69 10.10
N ASP B 103 -8.22 27.13 10.13
CA ASP B 103 -8.78 27.58 11.35
C ASP B 103 -9.31 26.41 12.15
N VAL B 104 -9.62 26.70 13.41
CA VAL B 104 -10.38 25.76 14.27
C VAL B 104 -11.71 25.62 13.62
N GLY B 105 -12.21 24.39 13.50
CA GLY B 105 -13.34 24.12 12.71
C GLY B 105 -13.99 22.79 12.95
N LYS B 106 -15.09 22.59 12.26
CA LYS B 106 -15.86 21.37 12.34
C LYS B 106 -15.05 20.18 11.76
N VAL B 107 -15.32 19.04 12.37
CA VAL B 107 -14.66 17.81 11.97
C VAL B 107 -15.73 16.72 11.83
N SER B 108 -15.70 15.97 10.73
CA SER B 108 -16.59 14.83 10.50
C SER B 108 -15.84 13.56 10.80
N LEU B 109 -16.56 12.64 11.41
CA LEU B 109 -16.02 11.31 11.70
C LEU B 109 -16.82 10.34 10.89
N THR B 110 -16.12 9.59 10.02
CA THR B 110 -16.71 8.57 9.18
C THR B 110 -16.26 7.22 9.74
N ILE B 111 -17.23 6.44 10.12
CA ILE B 111 -17.04 5.12 10.67
C ILE B 111 -17.19 4.07 9.59
N TYR B 112 -16.16 3.26 9.42
CA TYR B 112 -16.14 2.17 8.49
C TYR B 112 -16.22 0.84 9.23
N ARG B 113 -17.17 0.04 8.82
CA ARG B 113 -17.09 -1.48 9.10
CA ARG B 113 -16.80 -1.34 9.19
C ARG B 113 -16.25 -2.36 8.01
N PHE B 114 -15.71 -3.42 8.62
CA PHE B 114 -15.17 -4.55 7.89
C PHE B 114 -16.29 -5.32 7.23
N LYS B 115 -16.14 -5.49 5.95
CA LYS B 115 -17.17 -6.14 5.08
C LYS B 115 -16.54 -7.17 4.16
N VAL B 116 -17.08 -8.38 4.18
CA VAL B 116 -16.63 -9.45 3.27
C VAL B 116 -17.69 -9.67 2.24
N SER B 117 -17.30 -9.73 0.97
CA SER B 117 -18.24 -9.84 -0.13
C SER B 117 -17.80 -10.97 -1.04
N ARG B 118 -18.60 -11.99 -1.20
CA ARG B 118 -18.11 -13.23 -1.75
C ARG B 118 -18.82 -13.84 -2.95
N ASP B 119 -19.07 -13.12 -4.00
CA ASP B 119 -20.40 -13.01 -4.44
C ASP B 119 -20.64 -12.23 -5.75
N ASP B 120 -20.16 -11.01 -5.82
CA ASP B 120 -20.41 -10.21 -6.98
C ASP B 120 -19.12 -10.07 -7.65
N PRO B 121 -19.09 -10.34 -8.93
CA PRO B 121 -17.79 -10.29 -9.60
C PRO B 121 -17.23 -8.87 -9.64
N GLY B 122 -15.90 -8.79 -9.52
CA GLY B 122 -15.23 -7.50 -9.61
C GLY B 122 -15.39 -6.64 -8.36
N VAL B 123 -16.08 -7.09 -7.30
CA VAL B 123 -16.16 -6.32 -6.02
C VAL B 123 -15.01 -6.83 -5.07
N PRO B 124 -14.42 -5.93 -4.26
CA PRO B 124 -13.39 -6.45 -3.34
C PRO B 124 -13.93 -7.53 -2.37
N LEU B 125 -13.16 -8.54 -2.13
CA LEU B 125 -13.53 -9.56 -1.20
C LEU B 125 -13.61 -8.97 0.23
N TYR B 126 -12.62 -8.16 0.57
CA TYR B 126 -12.48 -7.57 1.94
C TYR B 126 -12.35 -6.05 1.78
N GLU B 127 -13.29 -5.32 2.34
CA GLU B 127 -13.21 -3.85 2.27
C GLU B 127 -13.73 -3.20 3.53
N TRP B 128 -13.45 -1.92 3.64
CA TRP B 128 -14.01 -1.07 4.70
C TRP B 128 -15.22 -0.39 4.10
N SER B 129 -16.34 -0.56 4.75
CA SER B 129 -17.61 -0.04 4.21
C SER B 129 -18.25 1.00 5.12
N MET B 130 -18.66 2.17 4.62
CA MET B 130 -19.14 3.21 5.49
CA MET B 130 -19.17 3.23 5.50
C MET B 130 -20.39 2.79 6.23
N SER B 131 -20.39 2.96 7.55
CA SER B 131 -21.62 2.75 8.34
C SER B 131 -22.34 3.97 8.78
N LYS B 132 -21.59 5.03 9.06
CA LYS B 132 -22.16 6.18 9.74
C LYS B 132 -21.18 7.34 9.56
N THR B 133 -21.68 8.54 9.31
CA THR B 133 -20.85 9.74 9.40
C THR B 133 -21.49 10.66 10.39
N VAL B 134 -20.71 11.17 11.34
CA VAL B 134 -21.19 12.17 12.31
C VAL B 134 -20.28 13.42 12.41
N THR B 135 -20.88 14.53 12.78
CA THR B 135 -20.12 15.75 12.95
C THR B 135 -19.79 15.82 14.40
N ALA B 136 -18.51 16.04 14.70
CA ALA B 136 -18.10 16.15 16.09
C ALA B 136 -18.79 17.35 16.77
N GLN B 137 -18.97 17.29 18.07
CA GLN B 137 -19.62 18.40 18.79
C GLN B 137 -18.80 19.67 18.93
N ARG B 138 -17.48 19.53 18.97
CA ARG B 138 -16.64 20.66 19.17
C ARG B 138 -15.94 20.88 17.87
N SER B 139 -15.44 22.08 17.76
CA SER B 139 -14.54 22.46 16.68
CA SER B 139 -14.52 22.46 16.68
C SER B 139 -13.09 22.30 17.15
N TYR B 140 -12.20 21.96 16.22
CA TYR B 140 -10.82 21.62 16.55
C TYR B 140 -9.83 22.16 15.54
N GLN B 141 -8.61 22.37 15.98
CA GLN B 141 -7.53 22.76 15.09
C GLN B 141 -7.07 21.59 14.26
N SER B 142 -7.03 20.37 14.87
CA SER B 142 -6.45 19.22 14.23
C SER B 142 -7.49 18.08 14.23
N ALA B 143 -7.67 17.43 13.07
CA ALA B 143 -8.72 16.43 12.96
C ALA B 143 -8.63 15.36 14.01
N ASP B 144 -7.42 14.97 14.35
CA ASP B 144 -7.25 13.86 15.31
C ASP B 144 -7.82 14.18 16.70
N GLU B 145 -7.96 15.47 17.04
CA GLU B 145 -8.52 15.83 18.35
C GLU B 145 -9.95 15.34 18.53
N ALA B 146 -10.69 15.18 17.42
CA ALA B 146 -12.04 14.73 17.47
C ALA B 146 -12.26 13.31 17.94
N TYR B 147 -11.20 12.50 17.91
CA TYR B 147 -11.32 11.08 18.24
C TYR B 147 -11.59 10.94 19.73
N GLN B 148 -11.35 12.01 20.47
CA GLN B 148 -11.66 11.99 21.88
CA GLN B 148 -11.68 12.11 21.89
C GLN B 148 -13.18 11.95 22.09
N GLU B 149 -13.95 12.28 21.06
CA GLU B 149 -15.40 12.12 21.17
C GLU B 149 -15.92 10.74 20.81
N VAL B 150 -15.09 9.84 20.30
CA VAL B 150 -15.62 8.59 19.79
C VAL B 150 -16.03 7.71 20.98
N ASP B 151 -17.27 7.22 20.98
CA ASP B 151 -17.74 6.29 22.02
C ASP B 151 -18.52 5.13 21.39
N GLU B 152 -18.89 4.16 22.21
CA GLU B 152 -19.53 2.92 21.77
C GLU B 152 -20.80 3.16 20.91
N ALA B 153 -21.63 4.14 21.29
CA ALA B 153 -22.87 4.44 20.58
C ALA B 153 -22.57 5.03 19.18
N MET B 154 -21.48 5.78 19.06
CA MET B 154 -21.10 6.33 17.77
C MET B 154 -20.61 5.28 16.78
N LEU B 155 -19.97 4.21 17.26
CA LEU B 155 -19.44 3.17 16.33
C LEU B 155 -20.50 2.20 15.85
N THR B 156 -21.42 1.83 16.73
CA THR B 156 -22.37 0.78 16.41
C THR B 156 -23.70 1.39 15.90
N ARG B 157 -24.50 0.52 15.27
CA ARG B 157 -25.81 0.88 14.74
C ARG B 157 -26.89 0.17 15.57
#